data_1BCU
#
_entry.id   1BCU
#
_cell.length_a   71.150
_cell.length_b   72.250
_cell.length_c   72.670
_cell.angle_alpha   90.00
_cell.angle_beta   100.61
_cell.angle_gamma   90.00
#
_symmetry.space_group_name_H-M   'C 1 2 1'
#
loop_
_entity.id
_entity.type
_entity.pdbx_description
1 polymer ALPHA-THROMBIN
2 polymer ALPHA-THROMBIN
3 polymer HIRUGEN
4 non-polymer PROFLAVIN
5 water water
#
loop_
_entity_poly.entity_id
_entity_poly.type
_entity_poly.pdbx_seq_one_letter_code
_entity_poly.pdbx_strand_id
1 'polypeptide(L)' TFGSGEADCGLRPLFEKKSLEDKTERELLESYIDGR L
2 'polypeptide(L)'
;IVEGSDAEIGMSPWQVMLFRKSPQELLCGASLISDRWVLTAAHCLLYPPWDKNFTENDLLVRIGKHSRTRYERNIEKISM
LEKIYIHPRYNWRENLDRDIALMKLKKPVAFSDYIHPVCLPDRETAASLLQAGYKGRVTGWGNLKETWTANVGKGQPSVL
QVVNLPIVERPVCKDSTRIRITDNMFCAGYKPDEGKRGDACEGDSGGPFVMKSPFNNRWYQMGIVSWGEGCDRDGKYGFY
THVFRLKKWIQKVIDQFGE
;
H
3 'polypeptide(L)' GDFEEIPEE(TYS)LQ I
#
loop_
_chem_comp.id
_chem_comp.type
_chem_comp.name
_chem_comp.formula
PRL non-polymer PROFLAVIN 'C13 H11 N3'
#
# COMPACT_ATOMS: atom_id res chain seq x y z
N ALA A 7 -12.41 -2.64 -14.23
CA ALA A 7 -12.67 -2.32 -15.63
C ALA A 7 -12.16 -0.92 -15.93
N ASP A 8 -12.37 -0.01 -14.98
CA ASP A 8 -11.92 1.37 -15.09
C ASP A 8 -10.67 1.55 -14.21
N CYS A 9 -10.21 0.45 -13.64
CA CYS A 9 -9.12 0.46 -12.68
C CYS A 9 -7.82 1.09 -13.21
N GLY A 10 -7.08 1.70 -12.29
CA GLY A 10 -5.77 2.23 -12.60
C GLY A 10 -5.70 3.48 -13.42
N LEU A 11 -6.84 4.03 -13.80
CA LEU A 11 -6.88 5.28 -14.56
C LEU A 11 -7.40 6.40 -13.66
N ARG A 12 -6.51 7.28 -13.24
CA ARG A 12 -6.86 8.34 -12.29
C ARG A 12 -7.66 9.48 -12.90
N PRO A 13 -8.81 9.82 -12.27
CA PRO A 13 -9.67 10.90 -12.75
C PRO A 13 -8.91 12.19 -13.03
N LEU A 14 -7.98 12.55 -12.15
CA LEU A 14 -7.27 13.82 -12.31
C LEU A 14 -6.00 13.75 -13.13
N PHE A 15 -5.63 12.57 -13.58
CA PHE A 15 -4.42 12.43 -14.40
C PHE A 15 -4.67 11.71 -15.73
N GLU A 16 -4.66 10.38 -15.74
CA GLU A 16 -4.85 9.63 -16.98
C GLU A 16 -6.10 10.03 -17.77
N LYS A 17 -7.23 10.15 -17.07
CA LYS A 17 -8.50 10.52 -17.70
C LYS A 17 -8.47 11.88 -18.40
N LYS A 18 -7.63 12.80 -17.93
CA LYS A 18 -7.53 14.13 -18.51
C LYS A 18 -6.22 14.29 -19.27
N SER A 19 -5.49 13.19 -19.41
CA SER A 19 -4.20 13.19 -20.09
C SER A 19 -3.20 14.16 -19.45
N LEU A 20 -3.18 14.19 -18.12
CA LEU A 20 -2.22 15.00 -17.37
C LEU A 20 -1.30 14.02 -16.66
N GLU A 21 -0.03 14.36 -16.54
CA GLU A 21 0.94 13.49 -15.89
C GLU A 21 1.31 14.05 -14.52
N ASP A 22 1.55 13.16 -13.55
CA ASP A 22 2.01 13.64 -12.27
C ASP A 22 3.50 14.01 -12.33
N LYS A 23 3.98 14.60 -11.25
CA LYS A 23 5.30 15.20 -11.15
C LYS A 23 6.48 14.24 -11.32
N THR A 24 6.29 12.96 -10.96
CA THR A 24 7.40 12.02 -11.06
C THR A 24 7.13 10.70 -11.78
N GLU A 25 5.99 10.57 -12.46
CA GLU A 25 5.72 9.29 -13.10
C GLU A 25 6.68 8.95 -14.23
N ARG A 26 7.26 9.97 -14.85
CA ARG A 26 8.22 9.74 -15.93
C ARG A 26 9.42 8.96 -15.41
N GLU A 27 9.82 9.20 -14.17
CA GLU A 27 10.92 8.46 -13.55
C GLU A 27 10.64 6.95 -13.62
N LEU A 28 9.40 6.55 -13.38
CA LEU A 28 9.03 5.14 -13.42
C LEU A 28 9.11 4.60 -14.84
N LEU A 29 8.48 5.29 -15.78
CA LEU A 29 8.43 4.83 -17.16
C LEU A 29 9.82 4.73 -17.77
N GLU A 30 10.70 5.65 -17.39
CA GLU A 30 12.07 5.68 -17.88
C GLU A 30 12.92 4.55 -17.32
N SER A 31 12.45 3.89 -16.26
CA SER A 31 13.20 2.80 -15.65
C SER A 31 12.85 1.46 -16.28
N TYR A 32 11.82 1.43 -17.13
CA TYR A 32 11.37 0.18 -17.71
C TYR A 32 12.18 -0.22 -18.95
N ILE B 1 6.96 7.39 5.22
CA ILE B 1 7.87 7.41 4.09
C ILE B 1 9.08 8.28 4.41
N VAL B 2 10.28 7.72 4.21
CA VAL B 2 11.54 8.41 4.45
C VAL B 2 12.12 8.88 3.11
N GLU B 3 12.45 10.17 3.03
CA GLU B 3 13.03 10.76 1.82
C GLU B 3 12.08 10.81 0.63
N GLY B 4 10.79 10.93 0.91
CA GLY B 4 9.80 11.08 -0.15
C GLY B 4 9.38 12.53 -0.23
N SER B 5 8.32 12.82 -0.98
CA SER B 5 7.80 14.17 -1.11
C SER B 5 6.30 14.16 -0.95
N ASP B 6 5.70 15.34 -0.86
CA ASP B 6 4.26 15.48 -0.74
C ASP B 6 3.59 14.96 -2.00
N ALA B 7 2.55 14.16 -1.83
CA ALA B 7 1.80 13.66 -2.97
C ALA B 7 0.96 14.79 -3.54
N GLU B 8 0.68 14.73 -4.84
CA GLU B 8 -0.22 15.69 -5.45
C GLU B 8 -1.63 15.22 -5.15
N ILE B 9 -2.57 16.16 -5.21
CA ILE B 9 -3.96 15.82 -4.99
C ILE B 9 -4.43 14.85 -6.09
N GLY B 10 -5.09 13.78 -5.68
CA GLY B 10 -5.60 12.78 -6.60
C GLY B 10 -4.55 11.88 -7.21
N MET B 11 -3.31 11.97 -6.71
CA MET B 11 -2.20 11.20 -7.26
C MET B 11 -2.30 9.71 -6.98
N SER B 12 -2.92 9.37 -5.86
CA SER B 12 -3.02 7.97 -5.46
C SER B 12 -4.43 7.77 -4.90
N PRO B 13 -5.44 7.83 -5.79
CA PRO B 13 -6.85 7.71 -5.39
C PRO B 13 -7.28 6.38 -4.79
N TRP B 14 -6.40 5.38 -4.87
CA TRP B 14 -6.66 4.08 -4.27
C TRP B 14 -6.10 3.99 -2.84
N GLN B 15 -5.37 5.01 -2.41
CA GLN B 15 -4.75 4.99 -1.08
C GLN B 15 -5.82 5.00 -0.02
N VAL B 16 -5.73 4.05 0.92
CA VAL B 16 -6.70 3.94 1.99
C VAL B 16 -5.96 4.08 3.33
N MET B 17 -6.61 4.69 4.30
CA MET B 17 -6.06 4.81 5.65
C MET B 17 -6.80 3.88 6.59
N LEU B 18 -6.05 3.03 7.29
CA LEU B 18 -6.63 2.14 8.30
C LEU B 18 -6.60 2.93 9.60
N PHE B 19 -7.77 3.13 10.17
CA PHE B 19 -7.89 4.04 11.31
C PHE B 19 -8.52 3.34 12.50
N ARG B 20 -7.83 3.39 13.64
CA ARG B 20 -8.37 2.80 14.85
C ARG B 20 -9.41 3.74 15.47
N LYS B 21 -10.52 3.17 15.94
CA LYS B 21 -11.59 3.96 16.53
C LYS B 21 -11.27 4.51 17.92
N SER B 22 -10.71 3.67 18.79
CA SER B 22 -10.36 4.10 20.16
C SER B 22 -9.09 3.43 20.67
N PRO B 23 -8.01 4.19 20.86
CA PRO B 23 -7.92 5.64 20.58
C PRO B 23 -7.78 5.92 19.09
N GLN B 24 -8.19 7.11 18.68
CA GLN B 24 -8.10 7.50 17.27
C GLN B 24 -6.64 7.55 16.87
N GLU B 25 -6.23 6.62 16.02
CA GLU B 25 -4.86 6.61 15.52
C GLU B 25 -4.72 5.90 14.17
N LEU B 26 -3.71 6.31 13.40
CA LEU B 26 -3.39 5.69 12.13
C LEU B 26 -2.76 4.35 12.44
N LEU B 27 -3.33 3.28 11.89
CA LEU B 27 -2.77 1.95 12.07
C LEU B 27 -1.83 1.57 10.92
N CYS B 28 -2.31 1.76 9.70
CA CYS B 28 -1.61 1.27 8.51
C CYS B 28 -2.19 1.91 7.27
N GLY B 29 -1.55 1.62 6.14
CA GLY B 29 -2.08 2.01 4.84
C GLY B 29 -2.87 0.83 4.29
N ALA B 30 -3.49 1.03 3.14
CA ALA B 30 -4.26 -0.02 2.49
C ALA B 30 -4.58 0.52 1.10
N SER B 31 -5.24 -0.27 0.26
CA SER B 31 -5.55 0.17 -1.10
C SER B 31 -6.96 -0.27 -1.47
N LEU B 32 -7.59 0.50 -2.35
CA LEU B 32 -8.95 0.22 -2.81
C LEU B 32 -8.81 -0.56 -4.12
N ILE B 33 -9.36 -1.77 -4.17
CA ILE B 33 -9.27 -2.57 -5.41
C ILE B 33 -10.61 -2.73 -6.15
N SER B 34 -11.71 -2.34 -5.50
CA SER B 34 -13.04 -2.29 -6.13
C SER B 34 -13.88 -1.37 -5.26
N ASP B 35 -15.17 -1.24 -5.55
CA ASP B 35 -16.02 -0.35 -4.73
C ASP B 35 -16.33 -0.92 -3.34
N ARG B 36 -16.01 -2.20 -3.16
CA ARG B 36 -16.33 -2.92 -1.92
C ARG B 36 -15.14 -3.56 -1.21
N TRP B 37 -13.97 -3.59 -1.85
CA TRP B 37 -12.84 -4.32 -1.30
C TRP B 37 -11.57 -3.51 -1.09
N VAL B 38 -10.93 -3.77 0.05
CA VAL B 38 -9.69 -3.10 0.41
C VAL B 38 -8.61 -4.15 0.67
N LEU B 39 -7.42 -3.90 0.17
CA LEU B 39 -6.29 -4.82 0.32
C LEU B 39 -5.24 -4.21 1.25
N THR B 40 -4.75 -5.01 2.20
CA THR B 40 -3.74 -4.53 3.15
C THR B 40 -2.84 -5.70 3.60
N ALA B 41 -1.94 -5.45 4.53
CA ALA B 41 -1.05 -6.47 5.07
C ALA B 41 -1.73 -7.13 6.25
N ALA B 42 -1.63 -8.45 6.35
CA ALA B 42 -2.22 -9.19 7.47
C ALA B 42 -1.67 -8.75 8.83
N HIS B 43 -0.38 -8.38 8.88
CA HIS B 43 0.22 -8.01 10.16
C HIS B 43 -0.32 -6.69 10.71
N CYS B 44 -1.02 -5.93 9.87
CA CYS B 44 -1.68 -4.70 10.33
C CYS B 44 -2.84 -5.04 11.26
N LEU B 45 -3.38 -6.24 11.10
CA LEU B 45 -4.55 -6.67 11.85
C LEU B 45 -4.23 -7.73 12.87
N LEU B 46 -3.36 -8.66 12.50
CA LEU B 46 -3.06 -9.82 13.33
C LEU B 46 -1.57 -10.00 13.51
N TYR B 47 -1.12 -9.85 14.74
CA TYR B 47 0.28 -10.06 15.09
C TYR B 47 0.40 -10.42 16.58
N PRO B 48 0.17 -11.70 16.92
CA PRO B 48 0.24 -12.23 18.29
C PRO B 48 1.46 -11.84 19.15
N PRO B 49 2.67 -11.77 18.57
CA PRO B 49 3.83 -11.39 19.40
C PRO B 49 3.66 -10.07 20.17
N TRP B 50 2.80 -9.19 19.67
CA TRP B 50 2.56 -7.88 20.28
C TRP B 50 1.11 -7.74 20.73
N ASP B 51 0.42 -8.87 20.87
CA ASP B 51 -0.99 -8.89 21.24
C ASP B 51 -1.87 -7.99 20.36
N LYS B 52 -1.61 -8.02 19.06
CA LYS B 52 -2.41 -7.27 18.09
C LYS B 52 -3.36 -8.25 17.42
N ASN B 53 -4.66 -8.03 17.59
CA ASN B 53 -5.68 -8.87 16.95
C ASN B 53 -6.94 -8.04 16.75
N PHE B 54 -6.92 -7.18 15.74
CA PHE B 54 -8.06 -6.32 15.44
C PHE B 54 -9.16 -7.04 14.70
N THR B 55 -10.40 -6.77 15.09
CA THR B 55 -11.57 -7.31 14.43
C THR B 55 -12.23 -6.16 13.64
N GLU B 56 -13.25 -6.49 12.85
CA GLU B 56 -13.93 -5.51 12.01
C GLU B 56 -14.40 -4.27 12.77
N ASN B 57 -14.95 -4.50 13.96
CA ASN B 57 -15.51 -3.42 14.76
C ASN B 57 -14.50 -2.51 15.40
N ASP B 58 -13.21 -2.87 15.33
CA ASP B 58 -12.18 -2.02 15.93
C ASP B 58 -11.70 -0.94 14.97
N LEU B 59 -12.09 -1.05 13.70
CA LEU B 59 -11.48 -0.23 12.67
C LEU B 59 -12.42 0.57 11.78
N LEU B 60 -11.85 1.61 11.19
CA LEU B 60 -12.52 2.39 10.16
C LEU B 60 -11.57 2.50 8.98
N VAL B 61 -12.14 2.53 7.79
CA VAL B 61 -11.37 2.70 6.57
C VAL B 61 -11.69 4.11 6.06
N ARG B 62 -10.66 4.92 5.84
CA ARG B 62 -10.85 6.29 5.34
C ARG B 62 -10.23 6.40 3.96
N ILE B 63 -11.07 6.78 2.99
CA ILE B 63 -10.70 6.78 1.58
C ILE B 63 -10.80 8.19 0.99
N GLY B 64 -9.86 8.53 0.11
CA GLY B 64 -9.88 9.83 -0.56
C GLY B 64 -9.09 10.89 0.18
N LYS B 65 -8.32 10.47 1.18
CA LYS B 65 -7.58 11.40 2.02
C LYS B 65 -6.30 11.94 1.41
N HIS B 66 -5.85 13.07 1.95
CA HIS B 66 -4.61 13.71 1.55
C HIS B 66 -3.90 14.14 2.83
N SER B 67 -4.61 14.90 3.65
CA SER B 67 -4.10 15.31 4.96
C SER B 67 -4.15 14.08 5.87
N ARG B 68 -3.10 13.89 6.67
CA ARG B 68 -3.04 12.79 7.62
C ARG B 68 -4.05 12.95 8.76
N THR B 69 -4.03 14.11 9.42
CA THR B 69 -4.84 14.33 10.62
C THR B 69 -6.22 14.99 10.45
N ARG B 70 -6.36 15.83 9.43
CA ARG B 70 -7.59 16.57 9.18
C ARG B 70 -8.76 15.70 8.70
N TYR B 71 -9.97 16.02 9.16
CA TYR B 71 -11.17 15.36 8.64
C TYR B 71 -11.58 16.17 7.40
N GLU B 72 -11.28 15.61 6.24
CA GLU B 72 -11.50 16.28 4.95
C GLU B 72 -12.96 16.19 4.53
N ARG B 73 -13.74 17.10 5.11
CA ARG B 73 -15.20 17.14 5.07
C ARG B 73 -15.99 16.61 3.87
N ASN B 74 -15.92 17.24 2.70
CA ASN B 74 -16.69 16.73 1.56
C ASN B 74 -15.79 16.01 0.55
N ILE B 75 -14.66 15.50 1.03
CA ILE B 75 -13.68 14.87 0.17
C ILE B 75 -13.52 13.38 0.54
N GLU B 76 -13.08 13.11 1.77
CA GLU B 76 -12.85 11.73 2.18
C GLU B 76 -14.16 11.02 2.49
N LYS B 77 -14.13 9.69 2.44
CA LYS B 77 -15.27 8.86 2.79
C LYS B 77 -14.78 7.84 3.81
N ILE B 78 -15.55 7.67 4.87
CA ILE B 78 -15.19 6.75 5.95
C ILE B 78 -16.15 5.59 5.88
N SER B 79 -15.61 4.38 5.91
CA SER B 79 -16.41 3.17 5.78
C SER B 79 -16.17 2.23 6.94
N MET B 80 -17.20 1.46 7.26
CA MET B 80 -17.09 0.45 8.30
C MET B 80 -16.81 -0.84 7.55
N LEU B 81 -16.27 -1.82 8.27
CA LEU B 81 -15.92 -3.10 7.69
C LEU B 81 -16.99 -4.13 7.99
N GLU B 82 -17.23 -5.00 7.02
CA GLU B 82 -18.17 -6.09 7.20
C GLU B 82 -17.43 -7.36 7.60
N LYS B 83 -16.34 -7.65 6.89
CA LYS B 83 -15.58 -8.86 7.16
C LYS B 83 -14.12 -8.68 6.80
N ILE B 84 -13.25 -9.27 7.60
CA ILE B 84 -11.81 -9.27 7.38
C ILE B 84 -11.41 -10.71 7.06
N TYR B 85 -10.60 -10.88 6.03
CA TYR B 85 -10.11 -12.19 5.62
C TYR B 85 -8.61 -12.14 5.62
N ILE B 86 -7.98 -12.99 6.42
CA ILE B 86 -6.53 -13.07 6.47
C ILE B 86 -6.09 -14.36 5.80
N HIS B 87 -5.00 -14.31 5.03
CA HIS B 87 -4.53 -15.51 4.35
C HIS B 87 -4.36 -16.63 5.39
N PRO B 88 -4.97 -17.79 5.14
CA PRO B 88 -4.89 -18.91 6.08
C PRO B 88 -3.46 -19.35 6.39
N ARG B 89 -2.53 -19.06 5.49
CA ARG B 89 -1.14 -19.47 5.68
C ARG B 89 -0.17 -18.32 5.98
N TYR B 90 -0.72 -17.17 6.37
CA TYR B 90 0.07 -16.03 6.81
C TYR B 90 0.98 -16.52 7.93
N ASN B 91 2.29 -16.32 7.78
CA ASN B 91 3.26 -16.84 8.76
C ASN B 91 3.82 -15.76 9.67
N TRP B 92 3.10 -15.48 10.74
CA TRP B 92 3.52 -14.45 11.69
C TRP B 92 4.59 -14.98 12.64
N ARG B 93 4.66 -16.30 12.79
CA ARG B 93 5.63 -16.93 13.68
C ARG B 93 7.06 -16.71 13.25
N GLU B 94 7.30 -16.77 11.94
CA GLU B 94 8.66 -16.67 11.43
C GLU B 94 9.03 -15.39 10.66
N ASN B 95 8.52 -15.24 9.46
CA ASN B 95 8.99 -14.17 8.57
C ASN B 95 7.94 -13.30 7.85
N LEU B 96 6.69 -13.34 8.32
CA LEU B 96 5.60 -12.57 7.71
C LEU B 96 5.34 -13.01 6.26
N ASP B 97 5.52 -14.30 6.00
CA ASP B 97 5.27 -14.87 4.68
C ASP B 97 3.77 -14.83 4.42
N ARG B 98 3.39 -14.43 3.19
CA ARG B 98 1.98 -14.33 2.82
C ARG B 98 1.28 -13.29 3.69
N ASP B 99 1.93 -12.13 3.78
CA ASP B 99 1.44 -11.04 4.58
C ASP B 99 0.39 -10.29 3.78
N ILE B 100 -0.84 -10.77 3.80
CA ILE B 100 -1.89 -10.18 2.99
C ILE B 100 -3.25 -10.40 3.64
N ALA B 101 -4.14 -9.43 3.47
CA ALA B 101 -5.49 -9.52 4.02
C ALA B 101 -6.44 -8.70 3.15
N LEU B 102 -7.69 -9.14 3.10
CA LEU B 102 -8.76 -8.45 2.37
C LEU B 102 -9.81 -7.98 3.37
N MET B 103 -10.38 -6.80 3.11
CA MET B 103 -11.43 -6.25 3.97
C MET B 103 -12.60 -5.87 3.10
N LYS B 104 -13.77 -6.41 3.42
CA LYS B 104 -14.99 -6.09 2.68
C LYS B 104 -15.71 -4.94 3.39
N LEU B 105 -16.04 -3.91 2.63
CA LEU B 105 -16.70 -2.74 3.18
C LEU B 105 -18.17 -3.04 3.44
N LYS B 106 -18.73 -2.38 4.46
CA LYS B 106 -20.14 -2.59 4.79
C LYS B 106 -21.03 -2.27 3.57
N LYS B 107 -20.70 -1.18 2.87
CA LYS B 107 -21.40 -0.80 1.65
C LYS B 107 -20.44 -0.11 0.67
N PRO B 108 -20.73 -0.19 -0.64
CA PRO B 108 -19.87 0.39 -1.67
C PRO B 108 -19.62 1.88 -1.49
N VAL B 109 -18.39 2.32 -1.77
CA VAL B 109 -18.10 3.75 -1.80
C VAL B 109 -18.29 4.21 -3.23
N ALA B 110 -18.69 5.46 -3.39
CA ALA B 110 -18.86 6.04 -4.71
C ALA B 110 -17.50 6.58 -5.11
N PHE B 111 -17.10 6.35 -6.35
CA PHE B 111 -15.84 6.87 -6.86
C PHE B 111 -16.00 8.36 -7.11
N SER B 112 -14.88 9.07 -7.14
CA SER B 112 -14.89 10.51 -7.36
C SER B 112 -13.52 10.83 -7.90
N ASP B 113 -13.22 12.11 -8.01
CA ASP B 113 -11.89 12.55 -8.44
C ASP B 113 -10.82 12.05 -7.48
N TYR B 114 -11.20 11.78 -6.23
CA TYR B 114 -10.23 11.45 -5.18
C TYR B 114 -10.26 10.00 -4.72
N ILE B 115 -11.24 9.25 -5.22
CA ILE B 115 -11.45 7.87 -4.84
C ILE B 115 -11.62 7.04 -6.11
N HIS B 116 -10.67 6.12 -6.35
CA HIS B 116 -10.67 5.31 -7.56
C HIS B 116 -9.81 4.05 -7.32
N PRO B 117 -10.30 2.87 -7.73
CA PRO B 117 -9.54 1.63 -7.51
C PRO B 117 -8.29 1.43 -8.39
N VAL B 118 -7.34 0.67 -7.85
CA VAL B 118 -6.11 0.34 -8.56
C VAL B 118 -6.33 -1.05 -9.18
N CYS B 119 -5.60 -1.39 -10.25
CA CYS B 119 -5.75 -2.70 -10.87
C CYS B 119 -4.87 -3.74 -10.18
N LEU B 120 -5.35 -4.99 -10.19
CA LEU B 120 -4.53 -6.11 -9.74
C LEU B 120 -3.88 -6.68 -10.98
N PRO B 121 -2.60 -7.06 -10.89
CA PRO B 121 -1.86 -7.59 -12.05
C PRO B 121 -2.30 -8.98 -12.51
N ASP B 122 -2.21 -9.19 -13.81
CA ASP B 122 -2.43 -10.49 -14.41
C ASP B 122 -1.04 -11.10 -14.61
N ARG B 123 -0.99 -12.37 -15.00
CA ARG B 123 0.27 -13.07 -15.22
C ARG B 123 1.31 -12.31 -16.05
N GLU B 124 0.90 -11.76 -17.19
CA GLU B 124 1.85 -11.07 -18.07
C GLU B 124 2.30 -9.71 -17.61
N THR B 125 1.41 -8.96 -16.96
CA THR B 125 1.82 -7.66 -16.42
C THR B 125 2.88 -7.90 -15.34
N ALA B 126 2.64 -8.87 -14.47
CA ALA B 126 3.59 -9.22 -13.42
C ALA B 126 4.94 -9.63 -14.04
N ALA B 127 4.88 -10.44 -15.08
CA ALA B 127 6.07 -10.93 -15.77
C ALA B 127 6.91 -9.80 -16.40
N SER B 128 6.25 -8.90 -17.11
CA SER B 128 6.89 -7.76 -17.76
C SER B 128 7.46 -6.71 -16.80
N LEU B 129 6.75 -6.43 -15.72
CA LEU B 129 7.13 -5.33 -14.83
C LEU B 129 7.96 -5.66 -13.60
N LEU B 130 7.76 -6.83 -13.02
CA LEU B 130 8.52 -7.19 -11.81
C LEU B 130 9.94 -7.60 -12.15
N GLN B 131 10.76 -6.61 -12.49
CA GLN B 131 12.14 -6.87 -12.85
C GLN B 131 13.08 -5.94 -12.12
N ALA B 132 14.22 -6.46 -11.69
CA ALA B 132 15.23 -5.68 -10.98
C ALA B 132 15.57 -4.43 -11.77
N GLY B 133 15.57 -3.29 -11.09
CA GLY B 133 15.87 -2.04 -11.74
C GLY B 133 14.64 -1.23 -12.10
N TYR B 134 13.50 -1.90 -12.30
CA TYR B 134 12.26 -1.20 -12.62
C TYR B 134 11.76 -0.56 -11.34
N LYS B 135 11.29 0.67 -11.45
CA LYS B 135 10.83 1.40 -10.29
C LYS B 135 9.34 1.33 -10.06
N GLY B 136 8.96 1.21 -8.80
CA GLY B 136 7.57 1.23 -8.40
C GLY B 136 7.40 2.42 -7.48
N ARG B 137 6.19 2.63 -7.00
CA ARG B 137 5.89 3.81 -6.19
C ARG B 137 5.22 3.39 -4.90
N VAL B 138 5.69 3.94 -3.78
CA VAL B 138 5.13 3.64 -2.46
C VAL B 138 4.58 4.93 -1.87
N THR B 139 3.41 4.85 -1.23
CA THR B 139 2.76 6.02 -0.66
C THR B 139 2.28 5.71 0.76
N GLY B 140 2.21 6.74 1.60
CA GLY B 140 1.73 6.52 2.96
C GLY B 140 1.91 7.72 3.87
N TRP B 141 1.31 7.64 5.04
CA TRP B 141 1.35 8.71 6.04
C TRP B 141 2.25 8.31 7.21
N GLY B 142 3.12 7.32 6.96
CA GLY B 142 4.01 6.83 8.00
C GLY B 142 5.08 7.83 8.38
N ASN B 143 5.89 7.46 9.37
CA ASN B 143 6.94 8.34 9.87
C ASN B 143 7.95 8.72 8.79
N LEU B 144 8.51 9.92 8.94
CA LEU B 144 9.48 10.46 8.01
C LEU B 144 10.92 10.03 8.32
N LYS B 145 11.13 9.50 9.51
CA LYS B 145 12.45 9.09 9.98
C LYS B 145 12.25 7.92 10.93
N GLU B 146 13.29 7.13 11.12
CA GLU B 146 13.20 5.96 11.99
C GLU B 146 12.97 6.32 13.47
N GLY B 155 8.46 14.56 12.53
CA GLY B 155 8.42 13.12 12.69
C GLY B 155 7.35 12.46 11.84
N GLN B 156 6.19 13.12 11.76
CA GLN B 156 5.06 12.62 10.99
C GLN B 156 4.69 13.67 9.95
N PRO B 157 4.27 13.25 8.74
CA PRO B 157 3.92 14.19 7.67
C PRO B 157 2.53 14.80 7.88
N SER B 158 2.28 15.95 7.27
CA SER B 158 0.96 16.55 7.39
C SER B 158 0.09 16.06 6.24
N VAL B 159 0.76 15.64 5.17
CA VAL B 159 0.11 15.23 3.93
C VAL B 159 0.70 13.89 3.46
N LEU B 160 -0.06 13.16 2.63
CA LEU B 160 0.39 11.89 2.05
C LEU B 160 1.75 12.03 1.36
N GLN B 161 2.67 11.12 1.65
CA GLN B 161 4.01 11.15 1.05
C GLN B 161 4.12 10.10 -0.05
N VAL B 162 5.04 10.32 -0.97
CA VAL B 162 5.25 9.40 -2.08
C VAL B 162 6.75 9.24 -2.33
N VAL B 163 7.19 8.03 -2.67
CA VAL B 163 8.58 7.77 -3.04
C VAL B 163 8.61 6.68 -4.11
N ASN B 164 9.47 6.85 -5.12
CA ASN B 164 9.63 5.85 -6.18
C ASN B 164 10.89 5.04 -5.90
N LEU B 165 10.78 3.72 -5.92
CA LEU B 165 11.91 2.86 -5.55
C LEU B 165 12.12 1.73 -6.54
N PRO B 166 13.39 1.38 -6.81
CA PRO B 166 13.69 0.29 -7.74
C PRO B 166 13.56 -1.09 -7.08
N ILE B 167 13.05 -2.06 -7.84
CA ILE B 167 13.01 -3.44 -7.39
C ILE B 167 14.46 -3.95 -7.38
N VAL B 168 14.80 -4.75 -6.38
CA VAL B 168 16.18 -5.23 -6.23
C VAL B 168 16.27 -6.73 -6.54
N GLU B 169 17.40 -7.16 -7.09
CA GLU B 169 17.64 -8.58 -7.40
C GLU B 169 17.45 -9.43 -6.15
N ARG B 170 16.83 -10.59 -6.31
CA ARG B 170 16.56 -11.48 -5.18
C ARG B 170 17.81 -11.83 -4.35
N PRO B 171 18.95 -12.15 -4.99
CA PRO B 171 20.18 -12.48 -4.26
C PRO B 171 20.62 -11.40 -3.26
N VAL B 172 20.57 -10.13 -3.68
CA VAL B 172 20.97 -9.05 -2.76
C VAL B 172 19.94 -8.83 -1.66
N CYS B 173 18.67 -9.12 -1.95
CA CYS B 173 17.62 -9.01 -0.93
C CYS B 173 17.94 -10.03 0.15
N LYS B 174 18.17 -11.28 -0.24
CA LYS B 174 18.41 -12.35 0.71
C LYS B 174 19.74 -12.18 1.49
N ASP B 175 20.72 -11.55 0.85
CA ASP B 175 22.02 -11.29 1.46
C ASP B 175 22.10 -10.06 2.36
N SER B 176 20.98 -9.36 2.53
CA SER B 176 20.97 -8.15 3.36
C SER B 176 20.33 -8.41 4.71
N THR B 177 19.87 -9.64 4.91
CA THR B 177 19.12 -9.94 6.12
C THR B 177 19.37 -11.38 6.58
N ARG B 178 19.09 -11.66 7.85
CA ARG B 178 19.19 -13.01 8.40
C ARG B 178 17.84 -13.69 8.25
N ILE B 179 16.80 -12.92 7.92
CA ILE B 179 15.44 -13.45 7.78
C ILE B 179 15.32 -14.30 6.52
N ARG B 180 14.58 -15.40 6.60
CA ARG B 180 14.37 -16.26 5.44
C ARG B 180 13.36 -15.62 4.46
N ILE B 181 13.83 -15.34 3.25
CA ILE B 181 13.02 -14.71 2.20
C ILE B 181 12.30 -15.79 1.39
N THR B 182 11.03 -15.56 1.07
CA THR B 182 10.27 -16.54 0.31
C THR B 182 9.91 -15.98 -1.06
N ASP B 183 9.31 -16.81 -1.90
CA ASP B 183 8.88 -16.41 -3.24
C ASP B 183 7.70 -15.42 -3.18
N ASN B 184 7.05 -15.33 -2.02
CA ASN B 184 5.92 -14.43 -1.84
C ASN B 184 6.32 -13.02 -1.41
N MET B 185 7.60 -12.72 -1.51
CA MET B 185 8.13 -11.42 -1.14
C MET B 185 9.04 -10.94 -2.24
N PHE B 186 9.21 -9.63 -2.34
CA PHE B 186 10.25 -9.04 -3.16
C PHE B 186 10.74 -7.85 -2.36
N CYS B 187 11.96 -7.38 -2.61
CA CYS B 187 12.44 -6.24 -1.86
C CYS B 187 12.75 -5.12 -2.82
N ALA B 188 12.79 -3.90 -2.29
CA ALA B 188 12.99 -2.73 -3.13
C ALA B 188 13.70 -1.64 -2.36
N GLY B 189 14.44 -0.82 -3.10
CA GLY B 189 15.16 0.27 -2.50
C GLY B 189 16.46 0.49 -3.22
N TYR B 190 17.11 1.59 -2.90
CA TYR B 190 18.38 1.92 -3.49
C TYR B 190 19.50 1.25 -2.69
N LYS B 191 20.55 0.89 -3.41
CA LYS B 191 21.77 0.33 -2.84
C LYS B 191 22.57 1.51 -2.30
N PRO B 192 23.42 1.28 -1.29
CA PRO B 192 24.22 2.33 -0.67
C PRO B 192 24.99 3.24 -1.63
N ASP B 193 25.55 2.65 -2.68
CA ASP B 193 26.36 3.40 -3.65
C ASP B 193 25.57 4.31 -4.59
N GLU B 194 24.32 3.94 -4.85
CA GLU B 194 23.48 4.65 -5.81
C GLU B 194 23.17 6.11 -5.48
N GLY B 195 23.46 6.56 -4.26
CA GLY B 195 23.27 7.96 -3.93
C GLY B 195 21.86 8.38 -3.52
N LYS B 196 20.84 7.84 -4.20
CA LYS B 196 19.46 8.16 -3.87
C LYS B 196 18.99 7.31 -2.69
N ARG B 197 18.06 7.84 -1.89
CA ARG B 197 17.52 7.16 -0.72
C ARG B 197 16.00 7.01 -0.80
N GLY B 198 15.41 6.47 0.25
CA GLY B 198 13.96 6.33 0.29
C GLY B 198 13.55 4.97 0.81
N ASP B 199 12.48 4.94 1.60
CA ASP B 199 11.99 3.69 2.15
C ASP B 199 10.65 3.96 2.82
N ALA B 200 9.89 2.90 3.04
CA ALA B 200 8.70 2.99 3.84
C ALA B 200 9.18 3.00 5.29
N CYS B 201 8.27 3.25 6.23
CA CYS B 201 8.64 3.28 7.64
C CYS B 201 7.38 2.98 8.43
N GLU B 202 7.45 3.09 9.76
CA GLU B 202 6.31 2.77 10.60
C GLU B 202 5.09 3.59 10.18
N GLY B 203 3.94 2.94 10.10
CA GLY B 203 2.72 3.63 9.69
C GLY B 203 2.41 3.44 8.21
N ASP B 204 3.39 3.00 7.44
CA ASP B 204 3.23 2.76 6.01
C ASP B 204 2.81 1.34 5.64
N SER B 205 2.96 0.40 6.57
CA SER B 205 2.62 -1.00 6.33
C SER B 205 1.23 -1.13 5.75
N GLY B 206 1.02 -2.13 4.90
CA GLY B 206 -0.29 -2.37 4.31
C GLY B 206 -0.55 -1.51 3.08
N GLY B 207 0.25 -0.48 2.89
CA GLY B 207 0.10 0.41 1.76
C GLY B 207 0.51 -0.23 0.44
N PRO B 208 0.15 0.40 -0.69
CA PRO B 208 0.46 -0.15 -2.02
C PRO B 208 1.82 0.17 -2.60
N PHE B 209 2.42 -0.82 -3.27
CA PHE B 209 3.60 -0.58 -4.11
C PHE B 209 3.00 -0.72 -5.52
N VAL B 210 2.98 0.36 -6.28
CA VAL B 210 2.32 0.34 -7.59
C VAL B 210 3.29 0.65 -8.72
N MET B 211 2.93 0.20 -9.91
CA MET B 211 3.72 0.45 -11.12
C MET B 211 2.74 0.83 -12.23
N LYS B 212 3.17 1.72 -13.12
CA LYS B 212 2.32 2.11 -14.24
C LYS B 212 2.72 1.31 -15.48
N SER B 213 1.77 0.56 -16.03
CA SER B 213 2.05 -0.23 -17.22
C SER B 213 2.29 0.66 -18.44
N PRO B 214 3.43 0.45 -19.13
CA PRO B 214 3.72 1.24 -20.34
C PRO B 214 2.90 0.76 -21.54
N PHE B 215 2.20 -0.36 -21.38
CA PHE B 215 1.40 -0.94 -22.46
C PHE B 215 -0.01 -0.38 -22.54
N ASN B 216 -0.70 -0.28 -21.40
CA ASN B 216 -2.05 0.26 -21.39
C ASN B 216 -2.23 1.50 -20.52
N ASN B 217 -1.14 1.95 -19.92
CA ASN B 217 -1.09 3.16 -19.10
C ASN B 217 -1.93 3.13 -17.81
N ARG B 218 -2.18 1.94 -17.28
CA ARG B 218 -2.90 1.79 -16.04
C ARG B 218 -1.95 1.51 -14.89
N TRP B 219 -2.35 1.89 -13.69
CA TRP B 219 -1.56 1.62 -12.49
C TRP B 219 -1.95 0.26 -11.93
N TYR B 220 -0.95 -0.55 -11.59
CA TYR B 220 -1.19 -1.89 -11.06
C TYR B 220 -0.50 -1.97 -9.71
N GLN B 221 -1.14 -2.62 -8.75
CA GLN B 221 -0.50 -2.83 -7.46
C GLN B 221 0.30 -4.14 -7.51
N MET B 222 1.62 -4.01 -7.49
CA MET B 222 2.50 -5.18 -7.53
C MET B 222 2.84 -5.70 -6.14
N GLY B 223 2.84 -4.81 -5.15
CA GLY B 223 3.18 -5.25 -3.81
C GLY B 223 2.42 -4.54 -2.70
N ILE B 224 2.57 -5.07 -1.48
CA ILE B 224 2.01 -4.47 -0.27
C ILE B 224 3.19 -4.25 0.68
N VAL B 225 3.29 -3.04 1.26
CA VAL B 225 4.37 -2.74 2.22
C VAL B 225 4.27 -3.75 3.38
N SER B 226 5.31 -4.55 3.56
CA SER B 226 5.24 -5.62 4.52
C SER B 226 6.15 -5.43 5.72
N TRP B 227 7.47 -5.40 5.48
CA TRP B 227 8.40 -5.25 6.58
C TRP B 227 9.76 -4.74 6.15
N GLY B 228 10.53 -4.29 7.13
CA GLY B 228 11.86 -3.79 6.87
C GLY B 228 12.60 -3.80 8.19
N GLU B 229 13.90 -3.56 8.14
CA GLU B 229 14.71 -3.55 9.35
C GLU B 229 15.18 -2.12 9.51
N GLY B 230 14.46 -1.38 10.34
CA GLY B 230 14.71 0.05 10.45
C GLY B 230 14.05 0.72 9.27
N CYS B 231 14.46 1.94 8.97
CA CYS B 231 13.90 2.69 7.85
C CYS B 231 15.01 3.41 7.14
N ASP B 232 15.17 3.12 5.86
CA ASP B 232 16.15 3.80 5.03
C ASP B 232 17.57 3.61 5.58
N ARG B 233 17.86 2.41 6.08
CA ARG B 233 19.19 2.10 6.56
C ARG B 233 19.99 1.58 5.39
N ASP B 234 21.22 2.07 5.23
CA ASP B 234 22.08 1.64 4.13
C ASP B 234 22.30 0.14 4.14
N GLY B 235 22.22 -0.48 2.97
CA GLY B 235 22.42 -1.92 2.87
C GLY B 235 21.23 -2.73 3.34
N LYS B 236 20.14 -2.07 3.69
CA LYS B 236 18.91 -2.77 4.06
C LYS B 236 17.82 -2.40 3.04
N TYR B 237 16.80 -3.24 2.94
CA TYR B 237 15.76 -3.01 1.94
C TYR B 237 14.36 -3.22 2.49
N GLY B 238 13.38 -2.61 1.83
CA GLY B 238 12.00 -2.82 2.22
C GLY B 238 11.50 -4.08 1.55
N PHE B 239 10.69 -4.86 2.26
CA PHE B 239 10.13 -6.07 1.71
C PHE B 239 8.64 -5.93 1.51
N TYR B 240 8.17 -6.47 0.39
CA TYR B 240 6.78 -6.32 -0.02
C TYR B 240 6.17 -7.66 -0.31
N THR B 241 4.89 -7.79 0.01
CA THR B 241 4.13 -8.99 -0.34
C THR B 241 3.94 -8.98 -1.86
N HIS B 242 4.23 -10.12 -2.49
CA HIS B 242 4.15 -10.27 -3.95
C HIS B 242 2.69 -10.50 -4.29
N VAL B 243 2.00 -9.45 -4.71
CA VAL B 243 0.56 -9.51 -4.92
C VAL B 243 0.14 -10.56 -5.95
N PHE B 244 0.84 -10.62 -7.09
CA PHE B 244 0.45 -11.59 -8.10
C PHE B 244 0.55 -13.05 -7.63
N ARG B 245 1.59 -13.39 -6.87
CA ARG B 245 1.75 -14.76 -6.41
C ARG B 245 0.60 -15.18 -5.51
N LEU B 246 -0.12 -14.22 -4.96
CA LEU B 246 -1.24 -14.54 -4.07
C LEU B 246 -2.59 -14.17 -4.67
N LYS B 247 -2.64 -13.94 -5.98
CA LYS B 247 -3.88 -13.50 -6.61
C LYS B 247 -4.94 -14.58 -6.64
N LYS B 248 -4.52 -15.85 -6.69
CA LYS B 248 -5.45 -16.98 -6.66
C LYS B 248 -6.28 -16.93 -5.39
N TRP B 249 -5.63 -16.63 -4.27
CA TRP B 249 -6.31 -16.51 -3.00
C TRP B 249 -7.26 -15.31 -3.04
N ILE B 250 -6.77 -14.18 -3.55
CA ILE B 250 -7.58 -12.96 -3.65
C ILE B 250 -8.87 -13.23 -4.42
N GLN B 251 -8.76 -13.84 -5.60
CA GLN B 251 -9.92 -14.17 -6.43
C GLN B 251 -10.86 -15.13 -5.72
N LYS B 252 -10.30 -16.13 -5.05
CA LYS B 252 -11.10 -17.07 -4.30
C LYS B 252 -12.01 -16.38 -3.29
N VAL B 253 -11.47 -15.51 -2.44
CA VAL B 253 -12.34 -14.90 -1.42
C VAL B 253 -13.37 -13.92 -1.99
N ILE B 254 -13.01 -13.15 -3.01
CA ILE B 254 -14.00 -12.24 -3.59
C ILE B 254 -15.08 -13.02 -4.35
N ASP B 255 -14.73 -14.22 -4.84
CA ASP B 255 -15.71 -15.10 -5.48
C ASP B 255 -16.64 -15.77 -4.47
N GLN B 256 -16.10 -16.15 -3.32
CA GLN B 256 -16.89 -16.82 -2.30
C GLN B 256 -18.10 -16.03 -1.81
N PHE B 257 -17.92 -14.73 -1.59
CA PHE B 257 -19.04 -13.87 -1.19
C PHE B 257 -18.63 -12.40 -1.29
N ASP C 2 -4.18 13.61 18.27
CA ASP C 2 -3.49 14.46 17.24
C ASP C 2 -4.37 14.57 15.99
N PHE C 3 -5.22 13.59 15.78
CA PHE C 3 -6.13 13.57 14.65
C PHE C 3 -7.38 14.37 14.99
N GLU C 4 -7.88 15.10 14.00
CA GLU C 4 -9.10 15.88 14.16
C GLU C 4 -10.26 14.91 14.40
N GLU C 5 -11.20 15.34 15.23
CA GLU C 5 -12.36 14.53 15.60
C GLU C 5 -13.17 14.24 14.34
N ILE C 6 -13.62 12.99 14.20
CA ILE C 6 -14.46 12.63 13.07
C ILE C 6 -15.91 12.55 13.54
N PRO C 7 -16.86 12.75 12.61
CA PRO C 7 -18.30 12.70 12.89
C PRO C 7 -18.74 11.45 13.65
N GLU C 8 -19.54 11.65 14.70
CA GLU C 8 -19.94 10.55 15.57
C GLU C 8 -20.74 9.42 14.93
N GLU C 9 -21.37 9.67 13.78
CA GLU C 9 -22.13 8.61 13.13
C GLU C 9 -21.23 7.51 12.57
N TYS C 10 -19.92 7.73 12.57
CA TYS C 10 -18.96 6.75 12.08
CB TYS C 10 -17.78 7.45 11.41
CG TYS C 10 -18.16 8.15 10.13
CD1 TYS C 10 -18.92 7.50 9.14
CD2 TYS C 10 -17.80 9.47 9.90
CE1 TYS C 10 -19.30 8.15 7.98
CE2 TYS C 10 -18.17 10.13 8.74
CZ TYS C 10 -18.92 9.46 7.79
OH TYS C 10 -19.34 10.14 6.67
S TYS C 10 -18.33 10.36 5.43
O1 TYS C 10 -17.04 10.88 5.93
O2 TYS C 10 -18.89 11.31 4.50
O3 TYS C 10 -18.14 9.13 4.76
C TYS C 10 -18.44 5.80 13.16
O TYS C 10 -17.84 4.77 12.84
N LEU C 11 -18.68 6.15 14.42
CA LEU C 11 -18.17 5.36 15.55
C LEU C 11 -19.22 4.43 16.16
C1 PRL D . 7.60 -1.58 6.96
C2 PRL D . 8.27 -1.47 5.81
C3 PRL D . 9.60 -0.89 5.75
C4 PRL D . 10.15 -0.42 6.92
C5 PRL D . 10.13 0.21 11.67
C6 PRL D . 9.56 0.08 12.93
C7 PRL D . 8.24 -0.52 13.01
C8 PRL D . 7.58 -0.93 11.93
C9 PRL D . 7.54 -1.24 9.44
N10 PRL D . 10.04 -0.11 9.30
C11 PRL D . 9.47 -0.51 8.12
C12 PRL D . 8.16 -0.82 10.61
C13 PRL D . 8.16 -1.11 8.20
C14 PRL D . 9.47 -0.22 10.54
N15 PRL D . 10.28 -0.89 4.58
N16 PRL D . 10.20 0.48 14.05
#